data_8GO7
#
_entry.id   8GO7
#
_cell.length_a   118.311
_cell.length_b   101.304
_cell.length_c   74.877
_cell.angle_alpha   90.000
_cell.angle_beta   129.190
_cell.angle_gamma   90.000
#
_symmetry.space_group_name_H-M   'C 1 2 1'
#
loop_
_entity.id
_entity.type
_entity.pdbx_description
1 polymer 'Fungal immunomodulatory protein FIP-nha'
2 water water
#
_entity_poly.entity_id   1
_entity_poly.type   'polypeptide(L)'
_entity_poly.pdbx_seq_one_letter_code
;GPLGSMATTADSAVLFYIVASQKKLSFDYTPNWGRGSPNSYIDALTFPRVLTNKPYKYRVVKAGQDLGVRDSYSVQSDGS
QKVNFLEYNAGRGIADTQTIQVYVVDPDNGNQYLVAQWKHHHHHH
;
_entity_poly.pdbx_strand_id   B,A,C,D
#
# COMPACT_ATOMS: atom_id res chain seq x y z
N ASP A 11 1.85 0.21 9.43
CA ASP A 11 1.39 0.70 8.13
C ASP A 11 1.86 2.14 7.83
N SER A 12 2.99 2.56 8.41
CA SER A 12 3.50 3.87 8.03
C SER A 12 3.96 3.89 6.59
N ALA A 13 4.55 2.79 6.12
CA ALA A 13 5.06 2.77 4.76
C ALA A 13 3.96 3.03 3.74
N VAL A 14 2.72 2.61 4.01
CA VAL A 14 1.66 2.83 3.03
C VAL A 14 1.18 4.28 3.06
N LEU A 15 0.86 4.79 4.25
CA LEU A 15 0.45 6.20 4.38
C LEU A 15 1.39 7.14 3.65
N PHE A 16 2.70 7.04 3.91
CA PHE A 16 3.61 7.97 3.25
C PHE A 16 3.78 7.68 1.77
N TYR A 17 3.48 6.44 1.33
CA TYR A 17 3.29 6.22 -0.10
C TYR A 17 2.16 7.09 -0.63
N ILE A 18 1.10 7.27 0.18
CA ILE A 18 0.02 8.16 -0.23
C ILE A 18 0.48 9.61 -0.20
N VAL A 19 1.17 10.01 0.88
CA VAL A 19 1.71 11.37 0.98
C VAL A 19 2.60 11.69 -0.21
N ALA A 20 3.43 10.73 -0.63
CA ALA A 20 4.32 10.94 -1.76
C ALA A 20 3.57 11.37 -3.03
N SER A 21 2.44 10.73 -3.32
CA SER A 21 1.70 11.03 -4.54
C SER A 21 0.66 12.13 -4.36
N GLN A 22 0.19 12.36 -3.13
CA GLN A 22 -0.90 13.31 -2.86
C GLN A 22 -0.55 14.12 -1.60
N LYS A 23 0.08 15.29 -1.82
CA LYS A 23 0.54 16.12 -0.69
C LYS A 23 -0.57 16.42 0.30
N LYS A 24 -1.75 16.75 -0.20
CA LYS A 24 -2.84 17.26 0.63
C LYS A 24 -4.05 16.36 0.41
N LEU A 25 -4.53 15.74 1.48
CA LEU A 25 -5.65 14.82 1.38
C LEU A 25 -6.50 14.90 2.64
N SER A 26 -7.82 14.92 2.46
CA SER A 26 -8.77 14.84 3.57
C SER A 26 -9.92 13.92 3.17
N PHE A 27 -10.26 12.99 4.05
CA PHE A 27 -11.43 12.15 3.81
C PHE A 27 -12.05 11.74 5.14
N ASP A 28 -13.30 11.30 5.05
CA ASP A 28 -14.07 10.94 6.23
C ASP A 28 -15.17 9.98 5.77
N TYR A 29 -14.97 8.70 6.04
CA TYR A 29 -15.95 7.67 5.78
C TYR A 29 -16.61 7.19 7.06
N THR A 30 -16.62 8.02 8.09
CA THR A 30 -17.40 7.72 9.28
C THR A 30 -18.84 7.48 8.86
N PRO A 31 -19.42 6.32 9.16
CA PRO A 31 -20.73 5.97 8.59
C PRO A 31 -21.88 6.69 9.28
N ASN A 32 -22.77 7.28 8.49
CA ASN A 32 -24.02 7.86 9.01
C ASN A 32 -25.16 7.01 8.47
N TRP A 33 -25.62 6.06 9.29
CA TRP A 33 -26.65 5.13 8.87
C TRP A 33 -28.02 5.81 8.95
N GLY A 34 -28.66 5.97 7.79
CA GLY A 34 -29.97 6.59 7.76
C GLY A 34 -31.06 5.59 8.06
N ARG A 35 -32.11 6.06 8.72
CA ARG A 35 -33.21 5.19 9.10
C ARG A 35 -34.50 5.73 8.53
N GLY A 36 -35.24 4.87 7.85
CA GLY A 36 -36.56 5.21 7.37
C GLY A 36 -37.60 5.11 8.45
N SER A 37 -38.82 4.75 8.05
CA SER A 37 -39.93 4.61 8.98
C SER A 37 -40.63 3.30 8.66
N PRO A 38 -40.67 2.34 9.61
CA PRO A 38 -40.17 2.44 10.99
C PRO A 38 -38.64 2.59 11.15
N ASN A 39 -38.24 3.03 12.35
CA ASN A 39 -36.83 3.23 12.67
C ASN A 39 -36.04 1.92 12.59
N SER A 40 -36.71 0.77 12.64
CA SER A 40 -36.04 -0.53 12.61
C SER A 40 -35.26 -0.75 11.31
N TYR A 41 -35.51 0.03 10.27
CA TYR A 41 -34.95 -0.21 8.94
C TYR A 41 -33.94 0.87 8.58
N ILE A 42 -32.82 0.44 8.03
CA ILE A 42 -31.80 1.33 7.51
C ILE A 42 -32.02 1.46 6.02
N ASP A 43 -32.26 2.68 5.55
CA ASP A 43 -32.50 2.88 4.13
C ASP A 43 -31.40 3.62 3.41
N ALA A 44 -30.32 4.02 4.10
CA ALA A 44 -29.27 4.77 3.44
C ALA A 44 -27.99 4.75 4.27
N LEU A 45 -26.92 5.24 3.65
CA LEU A 45 -25.64 5.43 4.31
C LEU A 45 -25.01 6.67 3.71
N THR A 46 -24.56 7.59 4.57
CA THR A 46 -23.99 8.86 4.16
C THR A 46 -22.57 8.99 4.69
N PHE A 47 -21.63 9.38 3.81
CA PHE A 47 -20.22 9.65 4.16
C PHE A 47 -19.95 11.14 4.15
N PRO A 48 -19.38 11.71 5.23
CA PRO A 48 -19.14 13.17 5.27
C PRO A 48 -18.21 13.69 4.17
N ARG A 49 -17.17 12.95 3.78
CA ARG A 49 -16.21 13.50 2.81
C ARG A 49 -15.52 12.33 2.10
N VAL A 50 -15.97 12.05 0.89
CA VAL A 50 -15.48 10.88 0.17
C VAL A 50 -14.28 11.29 -0.65
N LEU A 51 -13.49 10.29 -1.03
CA LEU A 51 -12.44 10.49 -2.03
C LEU A 51 -13.06 10.79 -3.38
N THR A 52 -12.41 11.67 -4.14
CA THR A 52 -12.93 12.13 -5.42
C THR A 52 -11.95 11.91 -6.57
N ASN A 53 -10.85 11.19 -6.35
CA ASN A 53 -9.89 11.06 -7.43
C ASN A 53 -10.47 10.29 -8.61
N LYS A 54 -11.46 9.44 -8.34
CA LYS A 54 -12.14 8.67 -9.42
C LYS A 54 -13.64 8.63 -9.10
N PRO A 55 -14.54 8.56 -10.11
CA PRO A 55 -16.00 8.49 -9.87
C PRO A 55 -16.40 7.09 -9.38
N TYR A 56 -16.15 6.84 -8.10
CA TYR A 56 -16.41 5.52 -7.54
C TYR A 56 -17.90 5.20 -7.55
N LYS A 57 -18.19 3.91 -7.52
CA LYS A 57 -19.55 3.48 -7.25
C LYS A 57 -19.58 2.54 -6.06
N TYR A 58 -20.79 2.08 -5.74
CA TYR A 58 -21.05 1.38 -4.50
C TYR A 58 -21.77 0.07 -4.78
N ARG A 59 -21.25 -1.01 -4.19
CA ARG A 59 -21.89 -2.31 -4.16
C ARG A 59 -22.33 -2.61 -2.73
N VAL A 60 -23.53 -3.17 -2.60
CA VAL A 60 -24.15 -3.43 -1.30
C VAL A 60 -24.45 -4.92 -1.19
N VAL A 61 -24.07 -5.50 -0.06
CA VAL A 61 -24.35 -6.89 0.27
C VAL A 61 -25.25 -6.88 1.50
N LYS A 62 -26.42 -7.49 1.38
CA LYS A 62 -27.38 -7.55 2.47
C LYS A 62 -27.47 -8.99 2.93
N ALA A 63 -27.09 -9.24 4.19
CA ALA A 63 -27.09 -10.57 4.79
C ALA A 63 -26.57 -11.62 3.81
N GLY A 64 -25.33 -11.42 3.37
CA GLY A 64 -24.71 -12.33 2.45
C GLY A 64 -25.26 -12.34 1.04
N GLN A 65 -26.29 -11.56 0.74
CA GLN A 65 -26.86 -11.50 -0.61
C GLN A 65 -26.27 -10.30 -1.36
N ASP A 66 -25.60 -10.57 -2.47
CA ASP A 66 -25.00 -9.49 -3.27
C ASP A 66 -26.10 -8.75 -4.02
N LEU A 67 -26.39 -7.51 -3.61
CA LEU A 67 -27.37 -6.69 -4.32
C LEU A 67 -26.77 -5.96 -5.52
N GLY A 68 -25.50 -6.17 -5.84
CA GLY A 68 -24.92 -5.58 -7.05
C GLY A 68 -24.52 -4.11 -6.93
N VAL A 69 -24.13 -3.56 -8.09
CA VAL A 69 -23.59 -2.21 -8.23
C VAL A 69 -24.65 -1.30 -8.84
N ARG A 70 -24.71 -0.05 -8.37
CA ARG A 70 -25.52 0.98 -9.00
C ARG A 70 -24.71 2.26 -9.16
N ASP A 71 -25.31 3.20 -9.90
CA ASP A 71 -24.67 4.50 -10.15
C ASP A 71 -24.63 5.29 -8.86
N SER A 72 -23.50 5.97 -8.61
CA SER A 72 -23.37 6.75 -7.39
C SER A 72 -24.30 7.97 -7.46
N TYR A 73 -24.89 8.31 -6.32
CA TYR A 73 -25.43 9.65 -6.17
C TYR A 73 -24.28 10.66 -6.22
N SER A 74 -24.65 11.92 -6.45
CA SER A 74 -23.70 12.99 -6.69
C SER A 74 -22.88 13.30 -5.44
N VAL A 75 -21.58 13.55 -5.61
CA VAL A 75 -20.81 14.12 -4.50
C VAL A 75 -21.33 15.53 -4.25
N GLN A 76 -21.82 15.79 -3.05
CA GLN A 76 -22.42 17.09 -2.79
C GLN A 76 -21.34 18.13 -2.51
N SER A 77 -21.75 19.40 -2.58
CA SER A 77 -20.81 20.50 -2.49
C SER A 77 -20.06 20.53 -1.15
N ASP A 78 -20.59 19.91 -0.10
CA ASP A 78 -19.85 19.80 1.16
C ASP A 78 -18.95 18.56 1.21
N GLY A 79 -18.71 17.90 0.07
CA GLY A 79 -17.92 16.69 0.01
C GLY A 79 -18.66 15.41 0.34
N SER A 80 -19.92 15.49 0.75
CA SER A 80 -20.66 14.31 1.21
C SER A 80 -21.19 13.47 0.04
N GLN A 81 -21.41 12.19 0.32
CA GLN A 81 -22.01 11.29 -0.67
C GLN A 81 -22.93 10.29 0.03
N LYS A 82 -24.10 10.05 -0.58
CA LYS A 82 -25.13 9.20 -0.02
C LYS A 82 -25.32 7.94 -0.85
N VAL A 83 -25.53 6.82 -0.17
CA VAL A 83 -25.86 5.55 -0.82
C VAL A 83 -27.27 5.20 -0.41
N ASN A 84 -28.18 5.16 -1.38
CA ASN A 84 -29.59 4.94 -1.12
C ASN A 84 -29.89 3.45 -1.25
N PHE A 85 -30.13 2.78 -0.12
CA PHE A 85 -30.37 1.35 -0.16
C PHE A 85 -31.68 0.99 -0.85
N LEU A 86 -32.64 1.92 -0.96
CA LEU A 86 -33.85 1.63 -1.73
C LEU A 86 -33.52 1.32 -3.18
N GLU A 87 -32.39 1.81 -3.67
CA GLU A 87 -32.00 1.56 -5.07
C GLU A 87 -31.42 0.17 -5.25
N TYR A 88 -31.04 -0.49 -4.16
CA TYR A 88 -30.44 -1.81 -4.21
C TYR A 88 -31.38 -2.90 -3.73
N ASN A 89 -32.38 -2.54 -2.91
CA ASN A 89 -33.22 -3.48 -2.17
C ASN A 89 -34.68 -3.41 -2.64
N ALA A 90 -34.91 -3.12 -3.93
CA ALA A 90 -36.24 -3.11 -4.53
C ALA A 90 -37.22 -2.26 -3.73
N GLY A 91 -36.75 -1.10 -3.26
CA GLY A 91 -37.63 -0.14 -2.64
C GLY A 91 -37.95 -0.37 -1.18
N ARG A 92 -37.22 -1.24 -0.50
CA ARG A 92 -37.42 -1.49 0.92
C ARG A 92 -36.13 -1.15 1.67
N GLY A 93 -36.27 -0.63 2.89
CA GLY A 93 -35.11 -0.50 3.75
C GLY A 93 -34.58 -1.88 4.13
N ILE A 94 -33.48 -1.91 4.89
CA ILE A 94 -32.86 -3.16 5.32
C ILE A 94 -33.09 -3.29 6.81
N ALA A 95 -33.70 -4.41 7.21
CA ALA A 95 -33.94 -4.62 8.64
C ALA A 95 -32.62 -4.65 9.40
N ASP A 96 -32.56 -3.85 10.48
CA ASP A 96 -31.29 -3.63 11.17
C ASP A 96 -30.72 -4.90 11.81
N THR A 97 -31.46 -6.02 11.82
CA THR A 97 -30.88 -7.27 12.29
C THR A 97 -30.02 -7.95 11.23
N GLN A 98 -29.92 -7.39 10.02
CA GLN A 98 -29.09 -7.97 8.97
C GLN A 98 -27.77 -7.23 8.88
N THR A 99 -26.70 -7.96 8.59
CA THR A 99 -25.43 -7.31 8.31
C THR A 99 -25.47 -6.69 6.91
N ILE A 100 -24.96 -5.46 6.82
CA ILE A 100 -24.89 -4.72 5.58
C ILE A 100 -23.43 -4.43 5.31
N GLN A 101 -22.95 -4.79 4.11
CA GLN A 101 -21.61 -4.43 3.67
C GLN A 101 -21.69 -3.54 2.44
N VAL A 102 -20.93 -2.44 2.47
CA VAL A 102 -20.86 -1.46 1.40
C VAL A 102 -19.43 -1.42 0.91
N TYR A 103 -19.26 -1.58 -0.42
CA TYR A 103 -17.97 -1.60 -1.08
C TYR A 103 -17.89 -0.43 -2.05
N VAL A 104 -16.74 0.25 -2.08
CA VAL A 104 -16.46 1.11 -3.23
C VAL A 104 -16.00 0.23 -4.37
N VAL A 105 -16.35 0.63 -5.58
CA VAL A 105 -16.01 -0.09 -6.79
C VAL A 105 -15.10 0.81 -7.60
N ASP A 106 -13.94 0.30 -7.96
CA ASP A 106 -13.00 1.08 -8.74
C ASP A 106 -13.42 1.03 -10.20
N PRO A 107 -13.79 2.15 -10.81
CA PRO A 107 -14.25 2.11 -12.22
C PRO A 107 -13.18 1.64 -13.20
N ASP A 108 -11.91 1.69 -12.83
CA ASP A 108 -10.87 1.25 -13.78
C ASP A 108 -10.83 -0.27 -13.90
N ASN A 109 -10.68 -0.98 -12.79
CA ASN A 109 -10.47 -2.43 -12.79
C ASN A 109 -11.62 -3.19 -12.14
N GLY A 110 -12.63 -2.51 -11.62
CA GLY A 110 -13.72 -3.18 -10.94
C GLY A 110 -13.36 -3.80 -9.61
N ASN A 111 -12.21 -3.47 -9.03
CA ASN A 111 -11.86 -3.93 -7.70
C ASN A 111 -12.86 -3.40 -6.67
N GLN A 112 -13.02 -4.16 -5.57
CA GLN A 112 -13.98 -3.84 -4.50
C GLN A 112 -13.27 -3.73 -3.16
N TYR A 113 -13.56 -2.67 -2.42
CA TYR A 113 -12.96 -2.46 -1.11
C TYR A 113 -14.05 -2.10 -0.10
N LEU A 114 -14.12 -2.87 0.98
CA LEU A 114 -15.11 -2.59 2.01
C LEU A 114 -14.84 -1.24 2.66
N VAL A 115 -15.88 -0.42 2.78
CA VAL A 115 -15.77 0.86 3.45
C VAL A 115 -16.74 1.04 4.61
N ALA A 116 -17.81 0.25 4.70
CA ALA A 116 -18.71 0.40 5.84
C ALA A 116 -19.37 -0.94 6.07
N GLN A 117 -19.72 -1.19 7.34
CA GLN A 117 -20.34 -2.46 7.72
C GLN A 117 -21.29 -2.23 8.88
N TRP A 118 -22.55 -2.63 8.71
CA TRP A 118 -23.52 -2.61 9.79
C TRP A 118 -23.61 -4.01 10.40
N LYS A 119 -23.42 -4.07 11.73
CA LYS A 119 -23.22 -5.29 12.54
C LYS A 119 -22.42 -6.37 11.81
N ALA B 10 -1.57 2.61 -10.40
CA ALA B 10 -2.94 2.55 -9.88
C ALA B 10 -2.91 2.43 -8.36
N ASP B 11 -3.35 3.47 -7.63
CA ASP B 11 -3.14 3.53 -6.18
C ASP B 11 -4.45 3.56 -5.38
N SER B 12 -5.57 3.17 -5.98
CA SER B 12 -6.80 3.08 -5.21
C SER B 12 -6.75 1.97 -4.18
N ALA B 13 -6.14 0.83 -4.55
CA ALA B 13 -6.07 -0.28 -3.62
C ALA B 13 -5.43 0.15 -2.31
N VAL B 14 -4.37 0.99 -2.39
CA VAL B 14 -3.66 1.43 -1.18
C VAL B 14 -4.47 2.47 -0.43
N LEU B 15 -4.92 3.52 -1.12
CA LEU B 15 -5.77 4.53 -0.49
C LEU B 15 -6.86 3.90 0.38
N PHE B 16 -7.61 2.92 -0.17
CA PHE B 16 -8.69 2.34 0.61
C PHE B 16 -8.20 1.34 1.65
N TYR B 17 -7.02 0.76 1.47
CA TYR B 17 -6.34 0.10 2.58
C TYR B 17 -6.17 1.06 3.76
N ILE B 18 -5.97 2.36 3.46
CA ILE B 18 -5.86 3.34 4.54
C ILE B 18 -7.24 3.66 5.12
N VAL B 19 -8.24 3.87 4.25
CA VAL B 19 -9.59 4.13 4.71
C VAL B 19 -10.08 3.00 5.59
N ALA B 20 -9.74 1.77 5.22
CA ALA B 20 -10.08 0.62 6.06
C ALA B 20 -9.59 0.80 7.49
N SER B 21 -8.33 1.24 7.64
CA SER B 21 -7.71 1.36 8.96
C SER B 21 -8.18 2.59 9.69
N GLN B 22 -8.25 3.74 9.01
CA GLN B 22 -8.61 5.00 9.63
C GLN B 22 -9.66 5.69 8.78
N LYS B 23 -10.90 5.69 9.27
CA LYS B 23 -12.03 6.21 8.48
C LYS B 23 -11.86 7.70 8.18
N LYS B 24 -11.36 8.46 9.15
CA LYS B 24 -11.29 9.91 9.06
C LYS B 24 -9.83 10.32 9.15
N LEU B 25 -9.33 10.96 8.09
CA LEU B 25 -7.93 11.37 8.02
C LEU B 25 -7.82 12.65 7.22
N SER B 26 -6.94 13.55 7.67
CA SER B 26 -6.67 14.77 6.93
C SER B 26 -5.20 15.15 7.14
N PHE B 27 -4.48 15.40 6.05
CA PHE B 27 -3.10 15.81 6.16
C PHE B 27 -2.76 16.79 5.06
N ASP B 28 -1.64 17.50 5.25
CA ASP B 28 -1.21 18.53 4.31
C ASP B 28 0.30 18.69 4.46
N TYR B 29 1.04 18.15 3.50
CA TYR B 29 2.49 18.27 3.43
C TYR B 29 2.92 19.20 2.29
N THR B 30 2.03 20.11 1.90
CA THR B 30 2.39 21.16 0.96
C THR B 30 3.57 21.96 1.53
N PRO B 31 4.74 21.93 0.89
CA PRO B 31 5.95 22.50 1.52
C PRO B 31 5.89 24.03 1.63
N ASN B 32 6.11 24.54 2.83
CA ASN B 32 6.34 25.97 3.01
C ASN B 32 7.82 26.19 3.34
N TRP B 33 8.59 26.63 2.35
CA TRP B 33 10.03 26.82 2.52
C TRP B 33 10.29 28.19 3.13
N GLY B 34 10.81 28.21 4.35
CA GLY B 34 11.15 29.45 5.01
C GLY B 34 12.52 29.96 4.58
N ARG B 35 12.61 31.28 4.41
CA ARG B 35 13.84 31.90 3.95
C ARG B 35 14.36 32.84 5.02
N GLY B 36 15.64 32.71 5.34
CA GLY B 36 16.30 33.60 6.27
C GLY B 36 16.84 34.85 5.61
N SER B 37 17.91 35.39 6.18
CA SER B 37 18.56 36.56 5.61
C SER B 37 20.00 36.20 5.30
N PRO B 38 20.46 36.36 4.04
CA PRO B 38 19.62 36.82 2.92
C PRO B 38 18.58 35.81 2.41
N ASN B 39 17.70 36.30 1.51
CA ASN B 39 16.66 35.46 0.92
C ASN B 39 17.25 34.27 0.17
N SER B 40 18.48 34.41 -0.33
CA SER B 40 19.16 33.32 -1.02
C SER B 40 19.06 32.01 -0.23
N TYR B 41 19.04 32.08 1.10
CA TYR B 41 19.12 30.89 1.93
C TYR B 41 17.73 30.47 2.43
N ILE B 42 17.51 29.17 2.41
CA ILE B 42 16.33 28.57 3.01
C ILE B 42 16.73 28.03 4.37
N ASP B 43 16.03 28.45 5.41
CA ASP B 43 16.42 27.97 6.73
C ASP B 43 15.37 27.12 7.43
N ALA B 44 14.23 26.85 6.79
CA ALA B 44 13.20 26.05 7.45
C ALA B 44 12.21 25.52 6.42
N LEU B 45 11.41 24.55 6.87
CA LEU B 45 10.31 24.01 6.10
C LEU B 45 9.19 23.76 7.10
N THR B 46 7.98 24.23 6.75
CA THR B 46 6.82 23.99 7.60
C THR B 46 5.71 23.35 6.77
N PHE B 47 5.06 22.31 7.36
CA PHE B 47 3.93 21.54 6.83
C PHE B 47 2.63 21.99 7.50
N PRO B 48 1.60 22.37 6.73
CA PRO B 48 0.35 22.85 7.36
C PRO B 48 -0.33 21.85 8.28
N ARG B 49 -0.30 20.56 7.94
CA ARG B 49 -1.01 19.59 8.77
C ARG B 49 -0.34 18.24 8.58
N VAL B 50 0.28 17.77 9.65
CA VAL B 50 1.16 16.61 9.59
C VAL B 50 0.43 15.45 10.23
N LEU B 51 0.74 14.23 9.78
CA LEU B 51 0.25 13.03 10.44
C LEU B 51 0.79 12.95 11.86
N THR B 52 -0.07 12.51 12.79
CA THR B 52 0.26 12.46 14.20
C THR B 52 0.09 11.09 14.83
N ASN B 53 -0.07 10.03 14.04
CA ASN B 53 -0.26 8.73 14.66
C ASN B 53 0.99 8.28 15.42
N LYS B 54 2.15 8.78 15.01
CA LYS B 54 3.42 8.46 15.70
C LYS B 54 4.26 9.74 15.79
N PRO B 55 5.11 9.91 16.83
CA PRO B 55 6.00 11.08 16.92
C PRO B 55 7.14 10.96 15.92
N TYR B 56 6.86 11.36 14.68
CA TYR B 56 7.84 11.20 13.62
C TYR B 56 9.01 12.13 13.84
N LYS B 57 10.17 11.72 13.33
CA LYS B 57 11.33 12.59 13.28
C LYS B 57 11.61 12.96 11.83
N TYR B 58 12.58 13.85 11.64
CA TYR B 58 12.97 14.34 10.33
C TYR B 58 14.46 14.16 10.11
N ARG B 59 14.82 13.68 8.92
CA ARG B 59 16.19 13.65 8.43
C ARG B 59 16.30 14.58 7.24
N VAL B 60 17.40 15.31 7.15
CA VAL B 60 17.62 16.31 6.11
C VAL B 60 18.87 15.91 5.32
N VAL B 61 18.79 16.05 3.99
CA VAL B 61 19.91 15.78 3.09
C VAL B 61 20.16 17.06 2.31
N LYS B 62 21.37 17.59 2.41
CA LYS B 62 21.76 18.79 1.71
C LYS B 62 22.77 18.39 0.64
N ALA B 63 22.47 18.69 -0.62
CA ALA B 63 23.37 18.44 -1.74
C ALA B 63 24.07 17.10 -1.61
N GLY B 64 23.28 16.06 -1.37
CA GLY B 64 23.82 14.73 -1.23
C GLY B 64 24.50 14.46 0.10
N GLN B 65 24.60 15.44 0.99
CA GLN B 65 25.22 15.23 2.29
C GLN B 65 24.12 14.93 3.31
N ASP B 66 24.15 13.73 3.89
CA ASP B 66 23.21 13.33 4.94
C ASP B 66 23.51 14.12 6.20
N LEU B 67 22.68 15.12 6.53
CA LEU B 67 22.84 15.84 7.78
C LEU B 67 22.20 15.14 8.98
N GLY B 68 21.73 13.90 8.81
CA GLY B 68 21.28 13.12 9.95
C GLY B 68 19.90 13.48 10.46
N VAL B 69 19.52 12.83 11.58
CA VAL B 69 18.20 12.92 12.21
C VAL B 69 18.28 13.84 13.42
N ARG B 70 17.23 14.65 13.62
CA ARG B 70 17.08 15.48 14.80
C ARG B 70 15.70 15.26 15.42
N ASP B 71 15.58 15.67 16.69
CA ASP B 71 14.29 15.68 17.37
C ASP B 71 13.34 16.63 16.66
N SER B 72 12.08 16.23 16.55
CA SER B 72 11.11 17.05 15.87
C SER B 72 10.68 18.21 16.76
N TYR B 73 10.54 19.39 16.17
CA TYR B 73 9.76 20.41 16.86
C TYR B 73 8.33 19.89 17.02
N SER B 74 7.59 20.47 17.95
CA SER B 74 6.32 19.85 18.35
C SER B 74 5.20 20.29 17.42
N VAL B 75 4.25 19.37 17.16
CA VAL B 75 3.06 19.72 16.36
C VAL B 75 2.34 20.86 17.06
N GLN B 76 2.07 21.92 16.32
CA GLN B 76 1.39 23.06 16.92
C GLN B 76 -0.12 22.85 16.89
N SER B 77 -0.84 23.64 17.69
CA SER B 77 -2.26 23.42 17.89
C SER B 77 -3.05 23.52 16.57
N ASP B 78 -2.53 24.23 15.57
CA ASP B 78 -3.18 24.23 14.25
C ASP B 78 -2.77 23.03 13.39
N GLY B 79 -2.09 22.04 13.96
CA GLY B 79 -1.68 20.85 13.23
C GLY B 79 -0.40 20.99 12.43
N SER B 80 0.30 22.12 12.49
CA SER B 80 1.47 22.34 11.65
C SER B 80 2.74 21.92 12.38
N GLN B 81 3.80 21.67 11.60
CA GLN B 81 5.10 21.30 12.15
C GLN B 81 6.22 21.95 11.35
N LYS B 82 7.25 22.42 12.07
CA LYS B 82 8.39 23.13 11.47
C LYS B 82 9.66 22.29 11.57
N VAL B 83 10.39 22.24 10.46
CA VAL B 83 11.74 21.68 10.46
C VAL B 83 12.69 22.85 10.31
N ASN B 84 13.55 23.03 11.29
CA ASN B 84 14.46 24.17 11.37
C ASN B 84 15.81 23.71 10.82
N PHE B 85 16.14 24.15 9.61
CA PHE B 85 17.37 23.66 8.99
C PHE B 85 18.61 24.13 9.71
N LEU B 86 18.51 25.21 10.50
CA LEU B 86 19.61 25.64 11.36
C LEU B 86 20.05 24.53 12.31
N GLU B 87 19.12 23.71 12.78
CA GLU B 87 19.43 22.62 13.69
C GLU B 87 20.24 21.53 13.02
N TYR B 88 20.17 21.43 11.69
CA TYR B 88 20.83 20.37 10.95
C TYR B 88 22.12 20.83 10.27
N ASN B 89 22.26 22.14 10.04
CA ASN B 89 23.30 22.71 9.18
C ASN B 89 24.23 23.64 9.96
N ALA B 90 24.47 23.35 11.24
CA ALA B 90 25.48 24.06 12.05
C ALA B 90 25.22 25.56 12.11
N GLY B 91 23.95 25.94 12.19
CA GLY B 91 23.60 27.34 12.35
C GLY B 91 23.54 28.18 11.10
N ARG B 92 23.58 27.56 9.93
CA ARG B 92 23.54 28.28 8.66
C ARG B 92 22.35 27.82 7.83
N GLY B 93 21.74 28.74 7.09
CA GLY B 93 20.75 28.37 6.10
C GLY B 93 21.37 27.54 4.98
N ILE B 94 20.52 27.03 4.11
CA ILE B 94 20.95 26.23 2.97
C ILE B 94 20.77 27.08 1.71
N ALA B 95 21.85 27.26 0.97
CA ALA B 95 21.79 28.07 -0.24
C ALA B 95 20.82 27.42 -1.23
N ASP B 96 19.93 28.24 -1.81
CA ASP B 96 18.84 27.71 -2.61
C ASP B 96 19.30 27.02 -3.89
N THR B 97 20.58 27.10 -4.24
CA THR B 97 21.09 26.35 -5.38
C THR B 97 21.35 24.88 -5.03
N GLN B 98 21.16 24.47 -3.79
CA GLN B 98 21.36 23.09 -3.40
C GLN B 98 20.04 22.36 -3.32
N THR B 99 20.04 21.09 -3.72
CA THR B 99 18.87 20.25 -3.53
C THR B 99 18.79 19.82 -2.07
N ILE B 100 17.60 20.00 -1.49
CA ILE B 100 17.32 19.64 -0.11
C ILE B 100 16.30 18.53 -0.13
N GLN B 101 16.58 17.43 0.57
CA GLN B 101 15.61 16.37 0.77
C GLN B 101 15.32 16.23 2.24
N VAL B 102 14.03 16.10 2.57
CA VAL B 102 13.54 15.97 3.93
C VAL B 102 12.78 14.66 4.01
N TYR B 103 13.17 13.80 4.96
CA TYR B 103 12.54 12.50 5.17
C TYR B 103 11.84 12.51 6.51
N VAL B 104 10.65 11.87 6.56
CA VAL B 104 10.13 11.46 7.85
C VAL B 104 10.81 10.16 8.25
N VAL B 105 11.09 10.03 9.53
CA VAL B 105 11.69 8.82 10.07
C VAL B 105 10.66 8.19 10.98
N ASP B 106 10.36 6.94 10.73
CA ASP B 106 9.43 6.20 11.55
C ASP B 106 10.14 5.79 12.83
N PRO B 107 9.63 6.15 14.01
CA PRO B 107 10.34 5.83 15.25
C PRO B 107 10.39 4.34 15.54
N ASP B 108 9.48 3.55 14.98
CA ASP B 108 9.43 2.12 15.30
C ASP B 108 10.54 1.34 14.60
N ASN B 109 10.69 1.50 13.29
CA ASN B 109 11.67 0.74 12.53
C ASN B 109 12.78 1.59 11.93
N GLY B 110 12.76 2.90 12.12
CA GLY B 110 13.76 3.74 11.50
C GLY B 110 13.64 3.87 9.99
N ASN B 111 12.51 3.48 9.41
CA ASN B 111 12.30 3.69 7.99
C ASN B 111 12.25 5.18 7.69
N GLN B 112 12.62 5.54 6.45
CA GLN B 112 12.65 6.91 5.99
C GLN B 112 11.83 7.07 4.72
N TYR B 113 10.99 8.08 4.70
CA TYR B 113 10.14 8.34 3.54
C TYR B 113 10.28 9.79 3.13
N LEU B 114 10.68 10.02 1.89
CA LEU B 114 10.77 11.38 1.40
C LEU B 114 9.41 12.08 1.44
N VAL B 115 9.38 13.29 2.00
CA VAL B 115 8.15 14.08 2.01
C VAL B 115 8.31 15.44 1.35
N ALA B 116 9.53 15.93 1.10
CA ALA B 116 9.70 17.24 0.53
C ALA B 116 11.02 17.27 -0.21
N GLN B 117 11.08 18.03 -1.30
CA GLN B 117 12.32 18.18 -2.01
C GLN B 117 12.41 19.57 -2.61
N TRP B 118 13.54 20.25 -2.40
CA TRP B 118 13.78 21.54 -3.01
C TRP B 118 14.75 21.35 -4.19
N LYS B 119 14.36 21.89 -5.35
CA LYS B 119 14.95 21.59 -6.67
C LYS B 119 15.36 20.12 -6.82
N ASP C 11 6.54 2.69 -6.42
CA ASP C 11 5.81 1.70 -5.65
C ASP C 11 6.73 0.79 -4.81
N SER C 12 7.98 1.22 -4.59
CA SER C 12 8.92 0.35 -3.88
C SER C 12 8.61 0.29 -2.40
N ALA C 13 8.06 1.37 -1.85
CA ALA C 13 7.60 1.36 -0.46
C ALA C 13 6.64 0.21 -0.20
N VAL C 14 5.73 -0.05 -1.13
CA VAL C 14 4.71 -1.09 -0.91
C VAL C 14 5.36 -2.47 -0.98
N LEU C 15 6.17 -2.70 -2.01
CA LEU C 15 6.93 -3.93 -2.12
C LEU C 15 7.62 -4.28 -0.79
N PHE C 16 8.40 -3.35 -0.25
CA PHE C 16 9.14 -3.68 0.97
C PHE C 16 8.26 -3.71 2.21
N TYR C 17 7.10 -3.05 2.19
CA TYR C 17 6.10 -3.36 3.21
C TYR C 17 5.76 -4.86 3.19
N ILE C 18 5.70 -5.47 2.01
CA ILE C 18 5.40 -6.90 1.94
C ILE C 18 6.59 -7.70 2.47
N VAL C 19 7.78 -7.41 1.96
CA VAL C 19 9.01 -8.03 2.48
C VAL C 19 9.08 -7.88 3.99
N ALA C 20 8.67 -6.73 4.51
CA ALA C 20 8.62 -6.53 5.96
C ALA C 20 7.75 -7.58 6.65
N SER C 21 6.46 -7.63 6.28
CA SER C 21 5.53 -8.55 6.94
C SER C 21 5.88 -10.00 6.66
N GLN C 22 6.49 -10.28 5.51
CA GLN C 22 6.68 -11.63 5.00
C GLN C 22 8.03 -11.66 4.30
N LYS C 23 9.00 -12.35 4.88
CA LYS C 23 10.38 -12.23 4.40
C LYS C 23 10.63 -13.05 3.14
N LYS C 24 9.84 -14.10 2.91
CA LYS C 24 10.09 -15.05 1.83
C LYS C 24 8.77 -15.38 1.15
N LEU C 25 8.69 -15.17 -0.16
CA LEU C 25 7.43 -15.26 -0.85
C LEU C 25 7.68 -15.52 -2.33
N SER C 26 6.89 -16.42 -2.90
CA SER C 26 6.91 -16.70 -4.33
C SER C 26 5.48 -16.88 -4.84
N PHE C 27 5.13 -16.16 -5.89
CA PHE C 27 3.83 -16.33 -6.52
C PHE C 27 3.97 -16.17 -8.01
N ASP C 28 3.00 -16.71 -8.72
CA ASP C 28 2.99 -16.67 -10.18
C ASP C 28 1.53 -16.72 -10.63
N TYR C 29 1.04 -15.57 -11.09
CA TYR C 29 -0.30 -15.44 -11.63
C TYR C 29 -0.28 -15.22 -13.14
N THR C 30 0.77 -15.66 -13.81
CA THR C 30 0.79 -15.56 -15.26
C THR C 30 -0.33 -16.43 -15.83
N PRO C 31 -1.32 -15.86 -16.52
CA PRO C 31 -2.55 -16.61 -16.82
C PRO C 31 -2.31 -17.66 -17.90
N ASN C 32 -2.53 -18.92 -17.55
CA ASN C 32 -2.56 -19.99 -18.55
C ASN C 32 -4.03 -20.24 -18.93
N TRP C 33 -4.45 -19.66 -20.04
CA TRP C 33 -5.81 -19.84 -20.51
C TRP C 33 -5.97 -21.21 -21.16
N GLY C 34 -7.12 -21.85 -20.88
CA GLY C 34 -7.45 -23.12 -21.46
C GLY C 34 -8.41 -22.90 -22.60
N ARG C 35 -8.02 -23.34 -23.80
CA ARG C 35 -8.71 -22.94 -25.03
C ARG C 35 -9.67 -24.00 -25.55
N ASN C 39 -11.01 -24.97 -30.85
CA ASN C 39 -10.17 -24.20 -29.93
C ASN C 39 -10.44 -22.70 -30.04
N SER C 40 -11.71 -22.31 -29.91
CA SER C 40 -12.11 -20.91 -29.90
C SER C 40 -12.73 -20.46 -28.58
N TYR C 41 -13.27 -21.37 -27.78
CA TYR C 41 -13.82 -21.05 -26.47
C TYR C 41 -12.74 -21.19 -25.41
N ILE C 42 -12.84 -20.38 -24.37
CA ILE C 42 -11.99 -20.46 -23.18
C ILE C 42 -12.78 -21.15 -22.09
N ASP C 43 -12.33 -22.35 -21.67
CA ASP C 43 -13.01 -23.15 -20.68
C ASP C 43 -12.37 -23.12 -19.29
N ALA C 44 -11.22 -22.48 -19.12
CA ALA C 44 -10.53 -22.53 -17.84
C ALA C 44 -9.37 -21.53 -17.83
N LEU C 45 -8.89 -21.25 -16.62
CA LEU C 45 -7.72 -20.42 -16.41
C LEU C 45 -6.95 -21.04 -15.27
N THR C 46 -5.64 -21.19 -15.43
CA THR C 46 -4.81 -21.77 -14.39
C THR C 46 -3.68 -20.82 -14.05
N PHE C 47 -3.39 -20.69 -12.75
CA PHE C 47 -2.27 -19.91 -12.23
C PHE C 47 -1.19 -20.86 -11.73
N PRO C 48 0.06 -20.72 -12.19
CA PRO C 48 1.13 -21.61 -11.72
C PRO C 48 1.36 -21.59 -10.21
N ARG C 49 1.31 -20.42 -9.56
CA ARG C 49 1.61 -20.36 -8.12
C ARG C 49 0.78 -19.24 -7.47
N VAL C 50 -0.26 -19.62 -6.75
CA VAL C 50 -1.15 -18.65 -6.13
C VAL C 50 -0.69 -18.40 -4.71
N LEU C 51 -0.97 -17.21 -4.20
CA LEU C 51 -0.81 -16.96 -2.77
C LEU C 51 -1.71 -17.90 -1.98
N THR C 52 -1.23 -18.33 -0.82
CA THR C 52 -1.91 -19.34 -0.01
C THR C 52 -2.11 -18.91 1.44
N ASN C 53 -1.94 -17.62 1.74
CA ASN C 53 -2.14 -17.13 3.11
C ASN C 53 -3.61 -17.18 3.52
N LYS C 54 -4.52 -17.15 2.55
CA LYS C 54 -5.97 -17.25 2.84
C LYS C 54 -6.64 -18.07 1.74
N PRO C 55 -7.64 -18.93 2.03
CA PRO C 55 -8.35 -19.65 0.97
C PRO C 55 -9.17 -18.71 0.07
N TYR C 56 -8.55 -18.19 -0.99
CA TYR C 56 -9.25 -17.25 -1.85
C TYR C 56 -10.25 -17.96 -2.75
N LYS C 57 -11.39 -17.29 -2.98
CA LYS C 57 -12.34 -17.67 -4.02
C LYS C 57 -12.11 -16.75 -5.22
N TYR C 58 -12.83 -17.03 -6.29
CA TYR C 58 -12.72 -16.23 -7.51
C TYR C 58 -14.10 -15.86 -8.01
N ARG C 59 -14.19 -14.65 -8.52
CA ARG C 59 -15.37 -14.08 -9.17
C ARG C 59 -15.00 -13.83 -10.62
N VAL C 60 -15.89 -14.20 -11.53
CA VAL C 60 -15.67 -14.07 -12.96
C VAL C 60 -16.71 -13.13 -13.53
N VAL C 61 -16.29 -12.26 -14.44
CA VAL C 61 -17.17 -11.33 -15.12
C VAL C 61 -16.96 -11.55 -16.62
N LYS C 62 -18.05 -11.82 -17.34
CA LYS C 62 -17.99 -12.13 -18.75
C LYS C 62 -18.60 -10.96 -19.52
N ALA C 63 -17.78 -10.30 -20.34
CA ALA C 63 -18.24 -9.22 -21.21
C ALA C 63 -19.05 -8.19 -20.45
N GLY C 64 -18.62 -7.89 -19.23
CA GLY C 64 -19.30 -6.96 -18.37
C GLY C 64 -20.34 -7.58 -17.47
N GLN C 65 -20.67 -8.85 -17.65
CA GLN C 65 -21.72 -9.50 -16.89
C GLN C 65 -21.13 -10.27 -15.72
N ASP C 66 -21.62 -9.98 -14.51
CA ASP C 66 -21.12 -10.58 -13.29
C ASP C 66 -21.64 -12.01 -13.16
N LEU C 67 -20.77 -13.00 -13.40
CA LEU C 67 -21.16 -14.40 -13.17
C LEU C 67 -21.05 -14.84 -11.70
N GLY C 68 -20.60 -13.96 -10.79
CA GLY C 68 -20.61 -14.27 -9.38
C GLY C 68 -19.44 -15.13 -8.93
N VAL C 69 -19.57 -15.61 -7.69
CA VAL C 69 -18.54 -16.38 -7.01
C VAL C 69 -18.95 -17.85 -6.96
N ARG C 70 -17.94 -18.72 -7.03
CA ARG C 70 -18.09 -20.15 -6.88
C ARG C 70 -17.00 -20.63 -5.93
N ASP C 71 -17.18 -21.85 -5.43
CA ASP C 71 -16.19 -22.43 -4.55
C ASP C 71 -14.91 -22.75 -5.33
N SER C 72 -13.77 -22.65 -4.64
CA SER C 72 -12.48 -22.83 -5.27
C SER C 72 -12.11 -24.30 -5.42
N TYR C 73 -11.41 -24.61 -6.50
CA TYR C 73 -10.73 -25.88 -6.58
C TYR C 73 -9.51 -25.84 -5.66
N SER C 74 -9.05 -27.01 -5.24
CA SER C 74 -7.90 -27.08 -4.35
C SER C 74 -6.63 -26.56 -5.03
N VAL C 75 -5.77 -25.90 -4.27
CA VAL C 75 -4.43 -25.59 -4.75
C VAL C 75 -3.66 -26.90 -4.95
N GLN C 76 -3.09 -27.08 -6.14
CA GLN C 76 -2.43 -28.34 -6.45
C GLN C 76 -1.08 -28.42 -5.74
N SER C 77 -0.49 -29.63 -5.73
CA SER C 77 0.78 -29.83 -5.06
C SER C 77 1.86 -28.89 -5.59
N ASP C 78 1.85 -28.62 -6.89
CA ASP C 78 2.86 -27.76 -7.51
C ASP C 78 2.56 -26.26 -7.35
N GLY C 79 1.72 -25.89 -6.36
CA GLY C 79 1.33 -24.51 -6.13
C GLY C 79 0.27 -23.93 -7.07
N SER C 80 -0.22 -24.69 -8.05
CA SER C 80 -1.14 -24.12 -9.02
C SER C 80 -2.59 -24.29 -8.59
N GLN C 81 -3.42 -23.38 -9.06
CA GLN C 81 -4.87 -23.41 -8.86
C GLN C 81 -5.54 -23.11 -10.17
N LYS C 82 -6.67 -23.77 -10.41
CA LYS C 82 -7.41 -23.67 -11.66
C LYS C 82 -8.81 -23.13 -11.43
N VAL C 83 -9.17 -22.12 -12.22
CA VAL C 83 -10.53 -21.59 -12.26
C VAL C 83 -11.19 -22.13 -13.52
N ASN C 84 -12.28 -22.86 -13.34
CA ASN C 84 -12.99 -23.55 -14.42
C ASN C 84 -14.21 -22.70 -14.78
N PHE C 85 -14.22 -22.17 -15.99
CA PHE C 85 -15.32 -21.25 -16.29
C PHE C 85 -16.64 -21.99 -16.51
N LEU C 86 -16.64 -23.31 -16.69
CA LEU C 86 -17.91 -24.03 -16.80
C LEU C 86 -18.74 -23.85 -15.54
N GLU C 87 -18.09 -23.77 -14.38
CA GLU C 87 -18.85 -23.61 -13.14
C GLU C 87 -19.47 -22.23 -13.02
N TYR C 88 -18.98 -21.25 -13.78
CA TYR C 88 -19.47 -19.87 -13.69
C TYR C 88 -20.47 -19.54 -14.78
N ASN C 89 -20.42 -20.24 -15.92
CA ASN C 89 -21.16 -19.92 -17.12
C ASN C 89 -22.14 -21.03 -17.50
N ALA C 90 -22.83 -21.60 -16.50
CA ALA C 90 -23.82 -22.65 -16.70
C ALA C 90 -23.31 -23.76 -17.62
N GLY C 91 -22.12 -24.27 -17.32
CA GLY C 91 -21.56 -25.40 -18.05
C GLY C 91 -21.02 -25.11 -19.43
N ARG C 92 -20.90 -23.85 -19.81
CA ARG C 92 -20.48 -23.47 -21.16
C ARG C 92 -19.18 -22.67 -21.08
N GLY C 93 -18.25 -22.96 -21.97
CA GLY C 93 -17.10 -22.09 -22.16
C GLY C 93 -17.52 -20.68 -22.54
N ILE C 94 -16.56 -19.76 -22.46
CA ILE C 94 -16.75 -18.37 -22.87
C ILE C 94 -16.01 -18.15 -24.18
N ALA C 95 -16.67 -17.55 -25.16
CA ALA C 95 -16.02 -17.31 -26.45
C ALA C 95 -15.03 -16.15 -26.34
N ASP C 96 -13.84 -16.34 -26.93
CA ASP C 96 -12.77 -15.36 -26.84
C ASP C 96 -13.21 -13.98 -27.32
N THR C 97 -14.28 -13.91 -28.10
CA THR C 97 -14.99 -12.68 -28.41
C THR C 97 -14.99 -11.65 -27.29
N GLN C 98 -15.22 -12.10 -26.06
CA GLN C 98 -15.59 -11.22 -24.95
C GLN C 98 -14.46 -11.10 -23.94
N THR C 99 -14.48 -10.00 -23.20
CA THR C 99 -13.47 -9.74 -22.19
C THR C 99 -13.87 -10.44 -20.87
N ILE C 100 -13.02 -11.36 -20.43
CA ILE C 100 -13.18 -12.07 -19.17
C ILE C 100 -12.30 -11.38 -18.13
N GLN C 101 -12.89 -11.01 -17.00
CA GLN C 101 -12.13 -10.56 -15.85
C GLN C 101 -12.26 -11.58 -14.73
N VAL C 102 -11.15 -11.83 -14.05
CA VAL C 102 -11.10 -12.78 -12.93
C VAL C 102 -10.58 -12.03 -11.72
N TYR C 103 -11.36 -12.06 -10.64
CA TYR C 103 -11.01 -11.38 -9.40
C TYR C 103 -10.79 -12.40 -8.30
N VAL C 104 -9.75 -12.18 -7.49
CA VAL C 104 -9.68 -12.89 -6.23
C VAL C 104 -10.64 -12.23 -5.25
N VAL C 105 -11.24 -13.03 -4.39
CA VAL C 105 -12.18 -12.59 -3.37
C VAL C 105 -11.51 -12.82 -2.02
N ASP C 106 -11.47 -11.77 -1.19
CA ASP C 106 -10.87 -11.89 0.12
C ASP C 106 -11.92 -12.41 1.10
N PRO C 107 -11.77 -13.61 1.67
CA PRO C 107 -12.81 -14.15 2.55
C PRO C 107 -13.02 -13.35 3.81
N ASP C 108 -12.02 -12.60 4.27
CA ASP C 108 -12.19 -11.82 5.50
C ASP C 108 -13.19 -10.69 5.30
N ASN C 109 -13.00 -9.82 4.31
CA ASN C 109 -13.84 -8.65 4.16
C ASN C 109 -14.73 -8.66 2.91
N GLY C 110 -14.62 -9.66 2.04
CA GLY C 110 -15.37 -9.68 0.80
C GLY C 110 -14.81 -8.80 -0.30
N ASN C 111 -13.64 -8.18 -0.09
CA ASN C 111 -12.95 -7.40 -1.10
C ASN C 111 -12.64 -8.24 -2.32
N GLN C 112 -12.45 -7.58 -3.46
CA GLN C 112 -12.02 -8.31 -4.65
C GLN C 112 -11.02 -7.51 -5.46
N TYR C 113 -10.03 -8.23 -5.99
CA TYR C 113 -8.95 -7.62 -6.75
C TYR C 113 -8.82 -8.35 -8.08
N LEU C 114 -8.72 -7.57 -9.16
CA LEU C 114 -8.49 -8.16 -10.46
C LEU C 114 -7.13 -8.85 -10.49
N VAL C 115 -7.09 -10.05 -11.08
CA VAL C 115 -5.82 -10.77 -11.19
C VAL C 115 -5.58 -11.31 -12.58
N ALA C 116 -6.59 -11.25 -13.45
CA ALA C 116 -6.41 -11.73 -14.82
C ALA C 116 -7.48 -11.11 -15.69
N GLN C 117 -7.13 -10.89 -16.96
CA GLN C 117 -8.05 -10.34 -17.94
C GLN C 117 -7.74 -10.92 -19.31
N TRP C 118 -8.79 -11.28 -20.06
CA TRP C 118 -8.67 -11.69 -21.45
C TRP C 118 -9.21 -10.57 -22.34
N LYS C 119 -8.35 -10.09 -23.25
CA LYS C 119 -8.62 -8.97 -24.17
C LYS C 119 -9.36 -7.81 -23.49
N ASP D 11 -3.55 -7.24 5.12
CA ASP D 11 -2.70 -6.63 4.13
C ASP D 11 -2.93 -7.19 2.72
N SER D 12 -4.01 -7.96 2.54
CA SER D 12 -4.25 -8.59 1.24
C SER D 12 -4.43 -7.55 0.15
N ALA D 13 -5.07 -6.43 0.47
CA ALA D 13 -5.20 -5.34 -0.49
C ALA D 13 -3.85 -4.95 -1.10
N VAL D 14 -2.78 -4.93 -0.28
CA VAL D 14 -1.50 -4.48 -0.82
C VAL D 14 -0.75 -5.62 -1.51
N LEU D 15 -0.77 -6.82 -0.92
CA LEU D 15 -0.29 -8.01 -1.62
C LEU D 15 -0.76 -8.03 -3.08
N PHE D 16 -2.07 -7.95 -3.29
CA PHE D 16 -2.58 -8.08 -4.65
C PHE D 16 -2.36 -6.83 -5.49
N TYR D 17 -2.20 -5.66 -4.89
CA TYR D 17 -1.70 -4.54 -5.67
C TYR D 17 -0.32 -4.87 -6.26
N ILE D 18 0.52 -5.59 -5.51
CA ILE D 18 1.81 -6.00 -6.08
C ILE D 18 1.60 -7.04 -7.17
N VAL D 19 0.79 -8.08 -6.86
CA VAL D 19 0.36 -9.05 -7.87
C VAL D 19 -0.11 -8.33 -9.13
N ALA D 20 -0.90 -7.26 -8.95
CA ALA D 20 -1.38 -6.49 -10.09
C ALA D 20 -0.24 -5.90 -10.91
N SER D 21 0.73 -5.27 -10.24
CA SER D 21 1.81 -4.58 -10.94
C SER D 21 2.77 -5.56 -11.59
N GLN D 22 3.10 -6.64 -10.88
CA GLN D 22 3.95 -7.72 -11.39
C GLN D 22 3.28 -9.04 -11.03
N LYS D 23 2.99 -9.87 -12.03
CA LYS D 23 2.20 -11.06 -11.78
C LYS D 23 3.04 -12.28 -11.42
N LYS D 24 4.35 -12.20 -11.60
CA LYS D 24 5.26 -13.28 -11.22
C LYS D 24 6.44 -12.69 -10.44
N LEU D 25 6.71 -13.22 -9.25
CA LEU D 25 7.75 -12.64 -8.40
C LEU D 25 8.13 -13.65 -7.32
N SER D 26 9.43 -13.75 -7.06
CA SER D 26 9.97 -14.53 -5.96
C SER D 26 11.07 -13.75 -5.26
N PHE D 27 11.03 -13.70 -3.94
CA PHE D 27 12.12 -13.11 -3.19
C PHE D 27 12.30 -13.85 -1.89
N ASP D 28 13.50 -13.71 -1.32
CA ASP D 28 13.87 -14.38 -0.08
C ASP D 28 14.86 -13.48 0.66
N TYR D 29 14.37 -12.84 1.72
CA TYR D 29 15.17 -11.99 2.59
C TYR D 29 15.31 -12.62 3.97
N THR D 30 15.30 -13.96 4.07
CA THR D 30 15.54 -14.59 5.36
C THR D 30 17.02 -14.42 5.70
N PRO D 31 17.36 -13.70 6.76
CA PRO D 31 18.75 -13.23 6.95
C PRO D 31 19.68 -14.40 7.22
N ASN D 32 20.70 -14.54 6.38
CA ASN D 32 21.80 -15.49 6.63
C ASN D 32 22.97 -14.71 7.25
N TRP D 33 23.13 -14.82 8.57
CA TRP D 33 24.18 -14.12 9.28
C TRP D 33 25.44 -14.99 9.35
N GLY D 34 26.57 -14.42 8.98
CA GLY D 34 27.84 -15.12 9.07
C GLY D 34 28.87 -14.33 9.85
N TYR D 41 31.33 -13.01 16.48
CA TYR D 41 31.56 -11.93 15.51
C TYR D 41 30.73 -12.12 14.24
N ILE D 42 29.94 -11.11 13.90
CA ILE D 42 29.11 -11.12 12.68
C ILE D 42 29.80 -10.26 11.63
N ASP D 43 30.25 -10.92 10.55
CA ASP D 43 30.98 -10.27 9.46
C ASP D 43 30.10 -9.75 8.34
N ALA D 44 28.92 -10.34 8.17
CA ALA D 44 28.20 -10.16 6.91
C ALA D 44 26.78 -10.70 7.04
N LEU D 45 25.94 -10.26 6.11
CA LEU D 45 24.56 -10.69 6.02
C LEU D 45 24.30 -11.03 4.57
N THR D 46 23.75 -12.22 4.32
CA THR D 46 23.42 -12.63 2.97
C THR D 46 21.93 -12.90 2.87
N PHE D 47 21.35 -12.46 1.76
CA PHE D 47 19.96 -12.69 1.42
C PHE D 47 19.90 -13.66 0.25
N PRO D 48 19.19 -14.78 0.38
CA PRO D 48 19.16 -15.76 -0.72
C PRO D 48 18.60 -15.22 -2.03
N ARG D 49 17.62 -14.32 -1.99
CA ARG D 49 17.02 -13.88 -3.26
C ARG D 49 16.42 -12.47 -3.10
N VAL D 50 17.14 -11.47 -3.58
CA VAL D 50 16.72 -10.08 -3.40
C VAL D 50 15.89 -9.66 -4.59
N LEU D 51 15.02 -8.67 -4.38
CA LEU D 51 14.38 -7.98 -5.50
C LEU D 51 15.43 -7.30 -6.37
N THR D 52 15.18 -7.28 -7.67
CA THR D 52 16.14 -6.76 -8.63
C THR D 52 15.51 -5.73 -9.57
N ASN D 53 14.34 -5.19 -9.24
CA ASN D 53 13.70 -4.20 -10.09
C ASN D 53 14.48 -2.90 -10.12
N LYS D 54 15.20 -2.59 -9.05
CA LYS D 54 16.13 -1.47 -8.97
C LYS D 54 17.45 -2.00 -8.45
N PRO D 55 18.55 -1.24 -8.64
CA PRO D 55 19.82 -1.62 -8.00
C PRO D 55 19.97 -1.05 -6.59
N TYR D 56 19.42 -1.76 -5.60
CA TYR D 56 19.38 -1.23 -4.24
C TYR D 56 20.77 -1.18 -3.60
N LYS D 57 20.95 -0.20 -2.70
CA LYS D 57 22.07 -0.14 -1.78
C LYS D 57 21.56 -0.48 -0.38
N TYR D 58 22.49 -0.58 0.56
CA TYR D 58 22.13 -0.93 1.93
C TYR D 58 22.76 0.05 2.89
N ARG D 59 22.01 0.39 3.94
CA ARG D 59 22.49 1.15 5.07
C ARG D 59 22.48 0.27 6.32
N VAL D 60 23.54 0.36 7.10
CA VAL D 60 23.69 -0.44 8.31
C VAL D 60 23.67 0.48 9.52
N VAL D 61 23.01 0.04 10.58
CA VAL D 61 22.98 0.76 11.85
C VAL D 61 23.38 -0.21 12.94
N LYS D 62 24.40 0.14 13.71
CA LYS D 62 24.96 -0.75 14.72
C LYS D 62 24.71 -0.15 16.08
N ALA D 63 24.01 -0.90 16.94
CA ALA D 63 23.73 -0.49 18.31
C ALA D 63 23.23 0.96 18.35
N GLY D 64 22.39 1.31 17.38
CA GLY D 64 21.87 2.66 17.26
C GLY D 64 22.74 3.63 16.50
N GLN D 65 23.91 3.22 16.04
CA GLN D 65 24.84 4.14 15.39
C GLN D 65 24.79 3.95 13.87
N ASP D 66 24.46 5.03 13.16
CA ASP D 66 24.37 5.00 11.71
C ASP D 66 25.75 4.84 11.11
N LEU D 67 26.02 3.65 10.54
CA LEU D 67 27.24 3.44 9.75
C LEU D 67 27.12 3.93 8.31
N GLY D 68 25.95 4.38 7.87
CA GLY D 68 25.83 4.94 6.55
C GLY D 68 25.68 3.92 5.44
N VAL D 69 25.87 4.41 4.22
CA VAL D 69 25.63 3.66 2.98
C VAL D 69 26.95 3.32 2.32
N ARG D 70 26.99 2.15 1.69
CA ARG D 70 28.13 1.72 0.90
C ARG D 70 27.60 1.15 -0.41
N ASP D 71 28.50 1.07 -1.39
CA ASP D 71 28.11 0.48 -2.66
C ASP D 71 27.78 -0.99 -2.45
N SER D 72 26.89 -1.51 -3.30
CA SER D 72 26.40 -2.88 -3.21
C SER D 72 27.34 -3.86 -3.90
N TYR D 73 27.52 -5.03 -3.32
CA TYR D 73 28.11 -6.14 -4.06
C TYR D 73 27.11 -6.64 -5.12
N SER D 74 27.63 -7.28 -6.18
CA SER D 74 26.77 -7.77 -7.27
C SER D 74 25.81 -8.85 -6.79
N VAL D 75 24.57 -8.81 -7.28
CA VAL D 75 23.67 -9.94 -7.09
C VAL D 75 24.24 -11.18 -7.77
N GLN D 76 24.38 -12.27 -7.00
CA GLN D 76 24.94 -13.51 -7.51
C GLN D 76 23.97 -14.16 -8.49
N SER D 77 24.53 -15.06 -9.33
CA SER D 77 23.71 -15.74 -10.32
C SER D 77 22.54 -16.49 -9.69
N ASP D 78 22.69 -17.01 -8.48
CA ASP D 78 21.61 -17.69 -7.78
C ASP D 78 20.63 -16.71 -7.10
N GLY D 79 20.58 -15.45 -7.54
CA GLY D 79 19.72 -14.43 -6.98
C GLY D 79 20.13 -13.84 -5.65
N SER D 80 21.22 -14.29 -5.02
CA SER D 80 21.57 -13.84 -3.69
C SER D 80 22.42 -12.58 -3.73
N GLN D 81 22.34 -11.79 -2.65
CA GLN D 81 23.18 -10.62 -2.46
C GLN D 81 23.78 -10.62 -1.07
N LYS D 82 25.04 -10.20 -0.95
CA LYS D 82 25.76 -10.18 0.31
C LYS D 82 26.05 -8.75 0.75
N VAL D 83 25.70 -8.44 1.99
CA VAL D 83 26.11 -7.21 2.64
C VAL D 83 27.23 -7.57 3.62
N ASN D 84 28.35 -6.88 3.50
CA ASN D 84 29.59 -7.19 4.22
C ASN D 84 29.80 -6.09 5.25
N PHE D 85 29.71 -6.44 6.53
CA PHE D 85 29.78 -5.40 7.54
C PHE D 85 31.21 -4.86 7.73
N LEU D 86 32.22 -5.49 7.14
CA LEU D 86 33.57 -4.92 7.23
C LEU D 86 33.64 -3.62 6.47
N GLU D 87 32.84 -3.47 5.40
CA GLU D 87 32.84 -2.23 4.64
C GLU D 87 32.19 -1.09 5.39
N TYR D 88 31.34 -1.39 6.38
CA TYR D 88 30.56 -0.38 7.09
C TYR D 88 31.15 -0.04 8.45
N ASN D 89 32.00 -0.91 9.01
CA ASN D 89 32.48 -0.82 10.37
C ASN D 89 34.00 -0.70 10.41
N ALA D 90 34.58 0.00 9.41
CA ALA D 90 36.03 0.25 9.34
C ALA D 90 36.84 -1.04 9.50
N GLY D 91 36.46 -2.06 8.74
CA GLY D 91 37.23 -3.29 8.69
C GLY D 91 37.01 -4.27 9.83
N ARG D 92 36.12 -3.98 10.75
CA ARG D 92 35.86 -4.87 11.88
C ARG D 92 34.45 -5.42 11.76
N GLY D 93 34.32 -6.73 11.99
CA GLY D 93 33.01 -7.31 12.23
C GLY D 93 32.36 -6.66 13.44
N ILE D 94 31.07 -6.94 13.58
CA ILE D 94 30.25 -6.41 14.66
C ILE D 94 30.03 -7.52 15.69
N ALA D 95 30.29 -7.23 16.96
CA ALA D 95 30.06 -8.23 17.99
C ALA D 95 28.58 -8.50 18.16
N ASP D 96 28.22 -9.78 18.27
CA ASP D 96 26.81 -10.16 18.38
C ASP D 96 26.12 -9.56 19.60
N THR D 97 26.87 -8.89 20.47
CA THR D 97 26.28 -8.16 21.59
C THR D 97 25.24 -7.14 21.13
N GLN D 98 25.48 -6.49 20.00
CA GLN D 98 24.75 -5.28 19.63
C GLN D 98 23.71 -5.57 18.55
N THR D 99 22.68 -4.73 18.51
CA THR D 99 21.64 -4.85 17.51
C THR D 99 22.07 -4.20 16.19
N ILE D 100 21.99 -4.97 15.11
CA ILE D 100 22.32 -4.52 13.78
C ILE D 100 21.01 -4.37 13.02
N GLN D 101 20.75 -3.18 12.49
CA GLN D 101 19.64 -2.98 11.57
C GLN D 101 20.20 -2.77 10.17
N VAL D 102 19.55 -3.38 9.18
CA VAL D 102 19.97 -3.30 7.80
C VAL D 102 18.77 -2.81 6.98
N TYR D 103 18.97 -1.70 6.27
CA TYR D 103 17.94 -1.06 5.46
C TYR D 103 18.31 -1.14 3.99
N VAL D 104 17.33 -1.45 3.13
CA VAL D 104 17.53 -1.17 1.71
C VAL D 104 17.33 0.32 1.51
N VAL D 105 18.03 0.86 0.52
CA VAL D 105 17.97 2.26 0.15
C VAL D 105 17.45 2.31 -1.26
N ASP D 106 16.35 3.03 -1.47
CA ASP D 106 15.75 3.15 -2.79
C ASP D 106 16.51 4.22 -3.56
N PRO D 107 17.17 3.87 -4.68
CA PRO D 107 18.01 4.86 -5.38
C PRO D 107 17.23 5.99 -6.02
N ASP D 108 15.92 5.82 -6.23
CA ASP D 108 15.14 6.89 -6.86
C ASP D 108 14.90 8.05 -5.89
N ASN D 109 14.46 7.78 -4.65
CA ASN D 109 14.12 8.84 -3.72
C ASN D 109 14.99 8.91 -2.48
N GLY D 110 15.89 7.95 -2.25
CA GLY D 110 16.64 7.92 -1.01
C GLY D 110 15.86 7.37 0.18
N ASN D 111 14.66 6.85 -0.05
CA ASN D 111 13.90 6.17 1.00
C ASN D 111 14.68 4.96 1.51
N GLN D 112 14.39 4.57 2.77
CA GLN D 112 15.04 3.39 3.39
C GLN D 112 13.99 2.50 4.07
N TYR D 113 14.07 1.18 3.86
CA TYR D 113 13.17 0.24 4.50
C TYR D 113 13.97 -0.82 5.23
N LEU D 114 13.59 -1.07 6.48
CA LEU D 114 14.24 -2.12 7.26
C LEU D 114 13.97 -3.47 6.61
N VAL D 115 15.03 -4.26 6.38
CA VAL D 115 14.88 -5.59 5.83
C VAL D 115 15.51 -6.68 6.70
N ALA D 116 16.31 -6.33 7.70
CA ALA D 116 16.88 -7.33 8.58
C ALA D 116 17.28 -6.69 9.90
N GLN D 117 17.22 -7.49 10.95
CA GLN D 117 17.59 -7.05 12.29
C GLN D 117 18.27 -8.19 13.02
N TRP D 118 19.34 -7.87 13.75
CA TRP D 118 19.96 -8.80 14.67
C TRP D 118 19.61 -8.36 16.09
N LYS D 119 19.02 -9.28 16.86
CA LYS D 119 18.42 -9.06 18.18
C LYS D 119 17.98 -7.61 18.43
#